data_3PFG
#
_entry.id   3PFG
#
_cell.length_a   88.079
_cell.length_b   41.382
_cell.length_c   86.637
_cell.angle_alpha   90.00
_cell.angle_beta   121.21
_cell.angle_gamma   90.00
#
_symmetry.space_group_name_H-M   'C 1 2 1'
#
loop_
_entity.id
_entity.type
_entity.pdbx_description
1 polymer N-methyltransferase
2 non-polymer S-ADENOSYLMETHIONINE
3 non-polymer 1,2-ETHANEDIOL
4 non-polymer "5'-O-[(S)-hydroxy{[(S)-hydroxy(phenoxy)phosphoryl]oxy}phosphoryl]thymidine"
5 water water
#
_entity_poly.entity_id   1
_entity_poly.type   'polypeptide(L)'
_entity_poly.pdbx_seq_one_letter_code
;MAHSSATAGPQADYSGEIAELYDLVHQGKGKDYHREAADLAALVRRHSPKAASLLDVACGTGMHLRHLADSFGTVEGLEL
SADMLAIARRRNPDAVLHHGDMRDFSLGRRFSAVTCMFSSIGHLAGQAELDAALERFAAHVLPDGVVVVEPWWFPENFTP
GYVAAGTVEAGGTTVTRVSHSSREGEATRIEVHYLVAGPDRGITHHEESHRITLFTREQYERAFTAAGLSVEFMPGGPSG
RGLFTGLPGAKGETRLEHHHHHH
;
_entity_poly.pdbx_strand_id   A
#
# COMPACT_ATOMS: atom_id res chain seq x y z
N PRO A 10 5.25 17.71 8.47
CA PRO A 10 5.61 18.42 7.25
C PRO A 10 5.48 17.91 5.84
N GLN A 11 6.12 16.82 5.44
CA GLN A 11 5.71 16.30 4.14
C GLN A 11 4.62 15.23 4.19
N ALA A 12 3.86 15.09 3.11
CA ALA A 12 2.81 14.07 3.08
C ALA A 12 2.85 13.33 1.74
N ASP A 13 4.00 13.41 1.07
CA ASP A 13 4.05 13.04 -0.29
C ASP A 13 5.13 12.02 -0.58
N TYR A 14 5.62 11.32 0.45
CA TYR A 14 6.56 10.23 0.22
C TYR A 14 7.67 10.63 -0.75
N SER A 15 8.34 11.72 -0.39
CA SER A 15 9.36 12.33 -1.24
C SER A 15 10.71 12.47 -0.59
N GLY A 16 11.73 12.76 -1.40
CA GLY A 16 13.04 13.08 -0.86
C GLY A 16 13.58 12.04 0.10
N GLU A 17 14.12 12.48 1.23
CA GLU A 17 14.70 11.58 2.18
C GLU A 17 13.67 10.63 2.79
N ILE A 18 12.42 11.07 2.92
CA ILE A 18 11.40 10.14 3.40
C ILE A 18 11.28 8.91 2.51
N ALA A 19 11.20 9.12 1.19
CA ALA A 19 11.20 8.02 0.25
C ALA A 19 12.45 7.16 0.38
N GLU A 20 13.62 7.79 0.55
CA GLU A 20 14.86 7.03 0.67
C GLU A 20 14.93 6.17 1.93
N LEU A 21 14.25 6.59 2.99
CA LEU A 21 14.25 5.90 4.30
C LEU A 21 13.20 4.79 4.39
N TYR A 22 12.22 4.81 3.50
CA TYR A 22 11.03 3.98 3.56
C TYR A 22 11.36 2.50 3.78
N ASP A 23 12.18 1.97 2.87
CA ASP A 23 12.40 0.53 2.93
C ASP A 23 13.13 0.10 4.21
N LEU A 24 14.12 0.89 4.64
CA LEU A 24 14.90 0.51 5.81
C LEU A 24 14.02 0.57 7.05
N VAL A 25 13.20 1.63 7.17
CA VAL A 25 12.37 1.67 8.36
C VAL A 25 11.30 0.59 8.41
N HIS A 26 10.67 0.25 7.28
CA HIS A 26 9.63 -0.77 7.33
C HIS A 26 10.26 -2.14 7.50
N GLN A 27 11.44 -2.38 6.93
CA GLN A 27 12.15 -3.63 7.26
C GLN A 27 12.54 -3.72 8.74
N GLY A 28 13.00 -2.62 9.32
CA GLY A 28 13.39 -2.66 10.72
C GLY A 28 12.21 -2.97 11.61
N LYS A 29 11.02 -2.57 11.19
CA LYS A 29 9.77 -2.80 11.94
C LYS A 29 9.31 -4.23 11.74
N GLY A 30 10.01 -5.01 10.90
CA GLY A 30 9.59 -6.40 10.79
C GLY A 30 8.78 -6.75 9.56
N LYS A 31 8.56 -5.81 8.67
CA LYS A 31 7.72 -6.14 7.52
C LYS A 31 8.46 -7.07 6.57
N ASP A 32 7.81 -8.17 6.22
CA ASP A 32 8.40 -9.22 5.39
C ASP A 32 7.66 -9.28 4.06
N TYR A 33 8.20 -8.58 3.09
CA TYR A 33 7.47 -8.52 1.84
C TYR A 33 7.58 -9.79 1.05
N HIS A 34 8.62 -10.59 1.35
CA HIS A 34 8.68 -11.87 0.68
C HIS A 34 7.54 -12.78 1.12
N ARG A 35 7.35 -12.85 2.44
CA ARG A 35 6.21 -13.63 2.95
C ARG A 35 4.89 -13.04 2.49
N GLU A 36 4.79 -11.71 2.53
CA GLU A 36 3.51 -11.17 2.14
C GLU A 36 3.19 -11.44 0.68
N ALA A 37 4.21 -11.36 -0.20
CA ALA A 37 4.03 -11.68 -1.61
C ALA A 37 3.67 -13.16 -1.82
N ALA A 38 4.33 -14.06 -1.08
CA ALA A 38 3.96 -15.49 -1.20
C ALA A 38 2.50 -15.70 -0.79
N ASP A 39 2.10 -15.10 0.33
CA ASP A 39 0.71 -15.19 0.78
C ASP A 39 -0.28 -14.61 -0.22
N LEU A 40 0.08 -13.47 -0.79
CA LEU A 40 -0.74 -12.80 -1.75
C LEU A 40 -0.87 -13.66 -2.98
N ALA A 41 0.23 -14.25 -3.45
CA ALA A 41 0.13 -15.10 -4.64
C ALA A 41 -0.71 -16.36 -4.38
N ALA A 42 -0.63 -16.94 -3.19
CA ALA A 42 -1.45 -18.10 -2.84
C ALA A 42 -2.91 -17.68 -2.77
N LEU A 43 -3.23 -16.54 -2.15
CA LEU A 43 -4.59 -16.02 -2.12
C LEU A 43 -5.15 -15.79 -3.51
N VAL A 44 -4.34 -15.19 -4.37
CA VAL A 44 -4.78 -14.90 -5.73
C VAL A 44 -5.09 -16.20 -6.47
N ARG A 45 -4.22 -17.19 -6.33
CA ARG A 45 -4.40 -18.44 -7.04
C ARG A 45 -5.56 -19.26 -6.49
N ARG A 46 -5.94 -19.04 -5.23
CA ARG A 46 -7.19 -19.58 -4.68
C ARG A 46 -8.38 -19.12 -5.50
N HIS A 47 -8.45 -17.82 -5.78
CA HIS A 47 -9.63 -17.26 -6.40
C HIS A 47 -9.50 -17.30 -7.92
N SER A 48 -8.27 -17.38 -8.43
CA SER A 48 -8.03 -17.38 -9.86
C SER A 48 -6.89 -18.34 -10.17
N PRO A 49 -7.19 -19.63 -10.20
CA PRO A 49 -6.12 -20.62 -10.29
C PRO A 49 -5.13 -20.40 -11.44
N LYS A 50 -5.56 -19.81 -12.55
CA LYS A 50 -4.68 -19.70 -13.71
C LYS A 50 -3.99 -18.33 -13.81
N ALA A 51 -4.05 -17.56 -12.73
CA ALA A 51 -3.66 -16.15 -12.77
C ALA A 51 -2.20 -16.01 -13.21
N ALA A 52 -1.95 -15.06 -14.11
CA ALA A 52 -0.77 -14.84 -14.95
C ALA A 52 -0.14 -13.45 -14.85
N SER A 53 -0.91 -12.46 -14.42
CA SER A 53 -0.42 -11.10 -14.43
C SER A 53 -0.96 -10.36 -13.21
N LEU A 54 -0.22 -9.35 -12.77
CA LEU A 54 -0.65 -8.59 -11.58
C LEU A 54 -0.27 -7.12 -11.71
N LEU A 55 -1.20 -6.25 -11.31
CA LEU A 55 -0.98 -4.80 -11.23
C LEU A 55 -1.04 -4.42 -9.75
N ASP A 56 0.06 -3.86 -9.26
CA ASP A 56 0.12 -3.39 -7.87
C ASP A 56 -0.04 -1.87 -7.85
N VAL A 57 -1.18 -1.39 -7.32
CA VAL A 57 -1.52 0.02 -7.33
C VAL A 57 -1.03 0.68 -6.03
N ALA A 58 -0.45 1.89 -6.09
CA ALA A 58 0.28 2.52 -5.00
C ALA A 58 1.43 1.60 -4.57
N CYS A 59 2.20 1.13 -5.54
CA CYS A 59 3.24 0.13 -5.30
C CYS A 59 4.44 0.68 -4.57
N GLY A 60 4.46 1.99 -4.34
CA GLY A 60 5.55 2.53 -3.51
C GLY A 60 6.92 2.25 -4.08
N THR A 61 7.78 1.68 -3.25
CA THR A 61 9.14 1.32 -3.67
C THR A 61 9.24 -0.02 -4.37
N GLY A 62 8.11 -0.68 -4.65
CA GLY A 62 8.13 -1.84 -5.54
C GLY A 62 8.65 -3.07 -4.86
N MET A 63 8.58 -3.16 -3.53
CA MET A 63 9.04 -4.32 -2.79
C MET A 63 8.13 -5.52 -3.00
N HIS A 64 6.81 -5.37 -2.94
CA HIS A 64 5.96 -6.53 -3.24
C HIS A 64 6.16 -6.96 -4.71
N LEU A 65 6.21 -6.02 -5.63
CA LEU A 65 6.39 -6.37 -7.05
C LEU A 65 7.65 -7.19 -7.23
N ARG A 66 8.74 -6.85 -6.55
CA ARG A 66 9.99 -7.58 -6.79
C ARG A 66 9.79 -9.07 -6.48
N HIS A 67 9.07 -9.37 -5.40
CA HIS A 67 8.85 -10.75 -5.02
C HIS A 67 7.74 -11.40 -5.80
N LEU A 68 6.69 -10.65 -6.14
CA LEU A 68 5.56 -11.19 -6.87
C LEU A 68 6.01 -11.63 -8.28
N ALA A 69 7.05 -11.00 -8.82
CA ALA A 69 7.58 -11.37 -10.14
C ALA A 69 8.03 -12.82 -10.12
N ASP A 70 8.31 -13.41 -8.97
CA ASP A 70 8.71 -14.82 -8.91
C ASP A 70 7.52 -15.75 -8.99
N SER A 71 6.31 -15.21 -8.85
CA SER A 71 5.09 -16.00 -8.83
C SER A 71 4.20 -15.74 -10.04
N PHE A 72 4.35 -14.59 -10.68
CA PHE A 72 3.45 -14.20 -11.76
C PHE A 72 4.28 -13.90 -12.99
N GLY A 73 3.76 -14.28 -14.15
CA GLY A 73 4.55 -14.12 -15.35
C GLY A 73 4.85 -12.66 -15.66
N THR A 74 3.86 -11.80 -15.46
CA THR A 74 4.05 -10.38 -15.69
C THR A 74 3.54 -9.56 -14.50
N VAL A 75 4.36 -8.63 -14.03
CA VAL A 75 3.87 -7.76 -12.95
C VAL A 75 4.05 -6.32 -13.40
N GLU A 76 3.23 -5.41 -12.86
CA GLU A 76 3.22 -4.03 -13.33
C GLU A 76 2.80 -3.19 -12.11
N GLY A 77 3.18 -1.92 -12.10
CA GLY A 77 2.84 -1.05 -10.95
C GLY A 77 2.30 0.30 -11.34
N LEU A 78 1.66 0.97 -10.39
CA LEU A 78 1.18 2.33 -10.56
C LEU A 78 1.49 3.05 -9.24
N GLU A 79 2.05 4.26 -9.29
CA GLU A 79 2.48 4.95 -8.04
C GLU A 79 2.43 6.45 -8.26
N LEU A 80 1.92 7.21 -7.30
CA LEU A 80 1.75 8.65 -7.39
C LEU A 80 3.03 9.43 -7.20
N SER A 81 3.88 8.96 -6.31
CA SER A 81 5.08 9.74 -5.94
C SER A 81 6.23 9.37 -6.85
N ALA A 82 6.73 10.39 -7.57
CA ALA A 82 7.85 10.12 -8.46
C ALA A 82 9.04 9.56 -7.71
N ASP A 83 9.29 10.03 -6.48
CA ASP A 83 10.47 9.54 -5.77
C ASP A 83 10.36 8.08 -5.30
N MET A 84 9.13 7.70 -4.90
CA MET A 84 8.92 6.28 -4.61
C MET A 84 9.10 5.47 -5.90
N LEU A 85 8.48 5.96 -6.96
CA LEU A 85 8.47 5.27 -8.26
C LEU A 85 9.90 5.04 -8.77
N ALA A 86 10.77 6.03 -8.56
CA ALA A 86 12.15 5.89 -9.02
C ALA A 86 12.82 4.72 -8.35
N ILE A 87 12.55 4.53 -7.06
CA ILE A 87 13.09 3.42 -6.33
C ILE A 87 12.54 2.10 -6.86
N ALA A 88 11.22 2.09 -7.07
CA ALA A 88 10.55 0.92 -7.61
C ALA A 88 11.04 0.48 -9.00
N ARG A 89 11.26 1.48 -9.84
CA ARG A 89 11.74 1.18 -11.22
C ARG A 89 13.14 0.57 -11.22
N ARG A 90 14.04 1.11 -10.40
CA ARG A 90 15.36 0.47 -10.21
C ARG A 90 15.24 -0.95 -9.69
N ARG A 91 14.30 -1.21 -8.79
CA ARG A 91 14.24 -2.52 -8.20
C ARG A 91 13.59 -3.50 -9.19
N ASN A 92 12.81 -3.00 -10.15
CA ASN A 92 12.00 -3.88 -11.00
C ASN A 92 12.24 -3.43 -12.45
N PRO A 93 13.48 -3.63 -12.94
CA PRO A 93 13.85 -2.95 -14.19
C PRO A 93 13.16 -3.56 -15.42
N ASP A 94 12.64 -4.77 -15.30
CA ASP A 94 11.97 -5.34 -16.47
C ASP A 94 10.46 -5.20 -16.48
N ALA A 95 9.90 -4.52 -15.48
CA ALA A 95 8.46 -4.30 -15.43
C ALA A 95 8.10 -2.88 -15.79
N VAL A 96 6.85 -2.68 -16.20
CA VAL A 96 6.34 -1.36 -16.46
C VAL A 96 5.75 -0.82 -15.14
N LEU A 97 6.18 0.40 -14.81
CA LEU A 97 5.72 1.04 -13.58
C LEU A 97 5.26 2.42 -13.97
N HIS A 98 3.97 2.70 -13.79
CA HIS A 98 3.33 3.90 -14.29
C HIS A 98 3.31 4.96 -13.19
N HIS A 99 3.52 6.23 -13.56
CA HIS A 99 3.35 7.34 -12.64
C HIS A 99 1.92 7.82 -12.77
N GLY A 100 1.12 7.69 -11.70
CA GLY A 100 -0.30 7.97 -11.88
C GLY A 100 -1.00 7.82 -10.54
N ASP A 101 -2.31 8.00 -10.65
CA ASP A 101 -3.20 8.22 -9.54
C ASP A 101 -4.28 7.16 -9.52
N MET A 102 -4.43 6.46 -8.40
CA MET A 102 -5.37 5.37 -8.28
C MET A 102 -6.81 5.81 -8.51
N ARG A 103 -7.09 7.11 -8.33
CA ARG A 103 -8.46 7.63 -8.51
C ARG A 103 -8.89 7.69 -9.98
N ASP A 104 -7.94 7.78 -10.90
CA ASP A 104 -8.37 7.91 -12.31
C ASP A 104 -7.53 7.34 -13.44
N PHE A 105 -6.64 6.42 -13.17
CA PHE A 105 -5.77 5.92 -14.21
C PHE A 105 -6.47 5.02 -15.22
N SER A 106 -5.88 4.92 -16.42
CA SER A 106 -6.46 4.08 -17.45
C SER A 106 -5.35 3.49 -18.29
N LEU A 107 -5.08 2.21 -18.15
CA LEU A 107 -3.90 1.62 -18.77
C LEU A 107 -4.29 0.86 -20.05
N GLY A 108 -5.58 0.74 -20.33
CA GLY A 108 -6.02 0.04 -21.54
C GLY A 108 -5.73 -1.45 -21.55
N ARG A 109 -5.47 -2.05 -20.39
CA ARG A 109 -5.25 -3.50 -20.33
C ARG A 109 -5.73 -3.94 -18.95
N ARG A 110 -5.98 -5.22 -18.80
CA ARG A 110 -6.43 -5.91 -17.61
C ARG A 110 -5.44 -6.98 -17.16
N PHE A 111 -5.51 -7.33 -15.89
CA PHE A 111 -4.57 -8.21 -15.20
C PHE A 111 -5.31 -9.27 -14.41
N SER A 112 -4.69 -10.41 -14.12
CA SER A 112 -5.28 -11.47 -13.30
C SER A 112 -5.57 -10.98 -11.86
N ALA A 113 -4.73 -10.07 -11.38
CA ALA A 113 -4.89 -9.58 -10.00
C ALA A 113 -4.60 -8.09 -10.03
N VAL A 114 -5.38 -7.31 -9.28
CA VAL A 114 -5.07 -5.91 -9.01
C VAL A 114 -5.00 -5.79 -7.50
N THR A 115 -3.83 -5.39 -7.00
CA THR A 115 -3.59 -5.32 -5.55
C THR A 115 -3.35 -3.85 -5.13
N CYS A 116 -3.68 -3.56 -3.86
CA CYS A 116 -3.39 -2.21 -3.36
C CYS A 116 -3.12 -2.42 -1.87
N MET A 117 -1.84 -2.40 -1.51
CA MET A 117 -1.39 -2.94 -0.23
C MET A 117 -0.92 -1.87 0.74
N PHE A 118 -0.94 -2.25 2.02
CA PHE A 118 -0.37 -1.49 3.15
C PHE A 118 -1.06 -0.13 3.32
N SER A 119 -2.39 -0.14 3.24
CA SER A 119 -3.22 0.97 3.67
C SER A 119 -3.12 2.17 2.73
N SER A 120 -2.57 1.99 1.54
CA SER A 120 -2.49 3.10 0.57
C SER A 120 -3.86 3.66 0.27
N ILE A 121 -4.87 2.79 0.28
CA ILE A 121 -6.22 3.22 0.03
C ILE A 121 -6.73 4.28 1.01
N GLY A 122 -6.16 4.36 2.21
CA GLY A 122 -6.57 5.37 3.16
C GLY A 122 -6.17 6.78 2.79
N HIS A 123 -5.32 6.92 1.78
CA HIS A 123 -4.95 8.28 1.33
C HIS A 123 -6.08 8.91 0.53
N LEU A 124 -7.15 8.20 0.28
CA LEU A 124 -8.33 8.73 -0.43
C LEU A 124 -9.18 9.47 0.60
N ALA A 125 -9.94 10.47 0.12
CA ALA A 125 -10.75 11.32 0.98
C ALA A 125 -12.17 10.98 0.48
N GLY A 126 -12.95 10.37 1.34
CA GLY A 126 -14.37 10.28 1.24
C GLY A 126 -14.77 9.11 0.36
N GLN A 127 -16.04 8.78 0.50
CA GLN A 127 -16.66 7.70 -0.23
C GLN A 127 -16.52 7.87 -1.73
N ALA A 128 -16.59 9.11 -2.22
CA ALA A 128 -16.52 9.27 -3.67
C ALA A 128 -15.16 8.84 -4.22
N GLU A 129 -14.09 9.26 -3.57
CA GLU A 129 -12.76 8.82 -4.03
C GLU A 129 -12.58 7.31 -3.85
N LEU A 130 -13.04 6.76 -2.74
CA LEU A 130 -12.91 5.34 -2.52
C LEU A 130 -13.66 4.59 -3.61
N ASP A 131 -14.90 4.98 -3.91
CA ASP A 131 -15.62 4.32 -5.00
C ASP A 131 -14.93 4.48 -6.34
N ALA A 132 -14.37 5.67 -6.59
CA ALA A 132 -13.70 5.91 -7.87
C ALA A 132 -12.50 4.95 -8.02
N ALA A 133 -11.67 4.83 -6.98
CA ALA A 133 -10.54 3.91 -7.02
C ALA A 133 -10.99 2.47 -7.23
N LEU A 134 -12.01 2.02 -6.51
CA LEU A 134 -12.47 0.64 -6.64
C LEU A 134 -12.99 0.38 -8.08
N GLU A 135 -13.63 1.38 -8.67
CA GLU A 135 -14.13 1.24 -10.05
C GLU A 135 -12.93 1.13 -11.01
N ARG A 136 -11.87 1.90 -10.77
CA ARG A 136 -10.66 1.80 -11.61
C ARG A 136 -10.06 0.42 -11.42
N PHE A 137 -10.12 -0.17 -10.23
CA PHE A 137 -9.47 -1.46 -10.00
C PHE A 137 -10.28 -2.50 -10.78
N ALA A 138 -11.60 -2.38 -10.71
CA ALA A 138 -12.46 -3.28 -11.50
C ALA A 138 -12.25 -3.11 -13.00
N ALA A 139 -11.92 -1.90 -13.45
CA ALA A 139 -11.72 -1.56 -14.87
C ALA A 139 -10.40 -2.17 -15.35
N HIS A 140 -9.56 -2.65 -14.43
CA HIS A 140 -8.27 -3.26 -14.77
C HIS A 140 -8.09 -4.72 -14.39
N VAL A 141 -9.14 -5.42 -13.94
CA VAL A 141 -9.07 -6.82 -13.61
C VAL A 141 -9.73 -7.66 -14.70
N LEU A 142 -9.15 -8.82 -14.96
CA LEU A 142 -9.71 -9.73 -15.97
C LEU A 142 -10.98 -10.33 -15.39
N PRO A 143 -11.87 -10.80 -16.27
CA PRO A 143 -13.12 -11.36 -15.76
C PRO A 143 -13.01 -12.50 -14.79
N ASP A 144 -11.90 -13.23 -14.85
CA ASP A 144 -11.68 -14.35 -13.94
C ASP A 144 -10.66 -14.06 -12.84
N GLY A 145 -10.41 -12.77 -12.60
CA GLY A 145 -9.31 -12.33 -11.72
C GLY A 145 -9.81 -11.90 -10.34
N VAL A 146 -8.93 -11.22 -9.61
CA VAL A 146 -9.25 -10.84 -8.24
C VAL A 146 -8.61 -9.49 -7.89
N VAL A 147 -9.36 -8.70 -7.13
CA VAL A 147 -8.88 -7.43 -6.57
C VAL A 147 -8.63 -7.61 -5.08
N VAL A 148 -7.51 -7.10 -4.57
CA VAL A 148 -7.10 -7.24 -3.17
C VAL A 148 -6.76 -5.86 -2.67
N VAL A 149 -7.46 -5.45 -1.61
CA VAL A 149 -7.20 -4.11 -1.04
C VAL A 149 -6.93 -4.30 0.46
N GLU A 150 -5.76 -3.87 0.95
CA GLU A 150 -5.43 -3.85 2.35
C GLU A 150 -5.82 -2.51 2.97
N PRO A 151 -6.85 -2.44 3.81
CA PRO A 151 -7.39 -1.15 4.26
C PRO A 151 -6.47 -0.52 5.29
N TRP A 152 -6.73 0.76 5.53
CA TRP A 152 -6.34 1.39 6.79
C TRP A 152 -7.25 0.90 7.91
N TRP A 153 -6.98 1.35 9.13
CA TRP A 153 -7.84 1.09 10.30
C TRP A 153 -9.27 1.53 10.00
N PHE A 154 -10.22 0.82 10.58
CA PHE A 154 -11.61 1.26 10.60
C PHE A 154 -11.82 2.04 11.89
N PRO A 155 -12.85 2.88 11.97
CA PRO A 155 -13.10 3.47 13.29
C PRO A 155 -13.19 2.44 14.44
N GLU A 156 -13.77 1.29 14.14
CA GLU A 156 -14.06 0.26 15.13
C GLU A 156 -12.80 -0.50 15.58
N ASN A 157 -11.67 -0.37 14.91
CA ASN A 157 -10.44 -0.99 15.41
C ASN A 157 -9.26 -0.05 15.54
N PHE A 158 -9.44 1.25 15.30
CA PHE A 158 -8.34 2.22 15.48
C PHE A 158 -8.13 2.51 16.96
N THR A 159 -6.85 2.60 17.37
CA THR A 159 -6.45 2.96 18.72
C THR A 159 -5.84 4.35 18.75
N PRO A 160 -6.62 5.33 19.22
CA PRO A 160 -6.06 6.66 19.23
C PRO A 160 -4.98 6.83 20.27
N GLY A 161 -4.02 7.72 20.07
CA GLY A 161 -2.94 8.00 20.99
C GLY A 161 -1.81 7.01 20.78
N TYR A 162 -1.82 6.18 19.75
CA TYR A 162 -0.87 5.07 19.61
C TYR A 162 0.49 5.66 19.32
N VAL A 163 1.53 5.21 19.99
CA VAL A 163 2.93 5.64 19.77
C VAL A 163 3.74 4.40 19.33
N ALA A 164 4.45 4.46 18.24
CA ALA A 164 5.30 3.37 17.76
C ALA A 164 6.69 3.99 17.65
N ALA A 165 7.72 3.40 18.21
CA ALA A 165 9.11 3.90 18.12
C ALA A 165 9.97 2.71 17.77
N GLY A 166 10.90 2.87 16.83
CA GLY A 166 11.89 1.81 16.57
C GLY A 166 13.12 2.41 15.94
N THR A 167 14.26 1.76 16.16
CA THR A 167 15.55 2.16 15.65
C THR A 167 16.11 0.99 14.88
N VAL A 168 16.70 1.26 13.73
CA VAL A 168 17.34 0.26 12.89
C VAL A 168 18.67 0.82 12.41
N GLU A 169 19.64 -0.05 12.17
CA GLU A 169 20.96 0.35 11.68
C GLU A 169 21.29 -0.41 10.42
N ALA A 170 21.79 0.26 9.40
CA ALA A 170 22.25 -0.48 8.23
C ALA A 170 23.37 0.31 7.59
N GLY A 171 24.50 -0.32 7.25
CA GLY A 171 25.49 0.34 6.41
C GLY A 171 26.16 1.53 7.06
N GLY A 172 26.13 1.58 8.39
CA GLY A 172 26.78 2.62 9.12
C GLY A 172 25.77 3.70 9.56
N THR A 173 24.55 3.65 9.05
CA THR A 173 23.54 4.65 9.39
C THR A 173 22.53 4.11 10.41
N THR A 174 22.24 4.91 11.43
CA THR A 174 21.23 4.61 12.45
C THR A 174 20.00 5.46 12.18
N VAL A 175 18.83 4.83 12.06
CA VAL A 175 17.59 5.58 11.81
C VAL A 175 16.60 5.24 12.88
N THR A 176 16.13 6.26 13.57
CA THR A 176 15.02 6.13 14.53
C THR A 176 13.77 6.72 13.89
N ARG A 177 12.67 6.00 13.97
CA ARG A 177 11.38 6.47 13.46
C ARG A 177 10.37 6.39 14.60
N VAL A 178 9.63 7.47 14.86
CA VAL A 178 8.64 7.50 15.93
C VAL A 178 7.35 8.04 15.32
N SER A 179 6.22 7.37 15.53
CA SER A 179 4.93 7.85 15.05
C SER A 179 3.97 8.05 16.19
N HIS A 180 3.03 8.99 16.02
CA HIS A 180 1.90 9.16 16.94
C HIS A 180 0.65 9.33 16.11
N SER A 181 -0.39 8.57 16.46
CA SER A 181 -1.62 8.49 15.67
C SER A 181 -2.76 9.04 16.50
N SER A 182 -3.49 10.05 16.02
CA SER A 182 -4.64 10.66 16.75
C SER A 182 -5.84 10.69 15.85
N ARG A 183 -7.00 10.93 16.48
CA ARG A 183 -8.26 10.95 15.75
C ARG A 183 -8.54 12.38 15.29
N GLU A 184 -8.73 12.51 13.98
CA GLU A 184 -9.02 13.83 13.35
C GLU A 184 -10.30 13.75 12.57
N GLY A 185 -11.41 13.91 13.29
CA GLY A 185 -12.68 13.67 12.61
C GLY A 185 -12.85 12.26 12.12
N GLU A 186 -13.02 12.10 10.81
CA GLU A 186 -13.17 10.79 10.21
C GLU A 186 -11.87 10.20 9.65
N ALA A 187 -10.73 10.68 10.14
CA ALA A 187 -9.40 10.20 9.73
C ALA A 187 -8.47 10.07 10.93
N THR A 188 -7.33 9.41 10.67
CA THR A 188 -6.23 9.50 11.61
C THR A 188 -5.26 10.57 11.16
N ARG A 189 -4.77 11.36 12.13
CA ARG A 189 -3.63 12.19 11.88
C ARG A 189 -2.41 11.39 12.38
N ILE A 190 -1.51 11.01 11.49
CA ILE A 190 -0.28 10.34 11.91
C ILE A 190 0.88 11.29 11.68
N GLU A 191 1.58 11.57 12.76
CA GLU A 191 2.80 12.39 12.68
CA GLU A 191 2.79 12.38 12.68
C GLU A 191 3.97 11.43 12.86
N VAL A 192 4.99 11.54 12.02
CA VAL A 192 6.10 10.59 12.04
C VAL A 192 7.35 11.46 12.04
N HIS A 193 8.25 11.27 12.99
CA HIS A 193 9.54 11.92 13.04
C HIS A 193 10.63 10.90 12.90
N TYR A 194 11.72 11.34 12.31
CA TYR A 194 12.89 10.55 12.12
C TYR A 194 14.13 11.28 12.62
N LEU A 195 15.06 10.50 13.19
CA LEU A 195 16.47 10.92 13.39
C LEU A 195 17.34 10.01 12.58
N VAL A 196 18.16 10.57 11.70
CA VAL A 196 19.06 9.76 10.86
C VAL A 196 20.46 10.18 11.25
N ALA A 197 21.30 9.21 11.61
CA ALA A 197 22.65 9.52 12.12
C ALA A 197 23.70 8.64 11.46
N GLY A 198 24.89 9.17 11.22
CA GLY A 198 26.01 8.32 10.82
C GLY A 198 27.29 9.09 11.06
N PRO A 199 28.40 8.35 11.05
CA PRO A 199 29.67 8.99 11.44
C PRO A 199 30.05 10.14 10.54
N ASP A 200 29.79 10.00 9.25
CA ASP A 200 30.20 10.98 8.32
C ASP A 200 29.19 12.09 8.16
N ARG A 201 27.91 11.85 8.36
CA ARG A 201 26.84 12.76 8.04
C ARG A 201 26.27 13.44 9.28
N GLY A 202 26.67 13.12 10.49
CA GLY A 202 26.03 13.75 11.66
C GLY A 202 24.57 13.28 11.80
N ILE A 203 23.75 14.12 12.41
CA ILE A 203 22.32 13.79 12.65
C ILE A 203 21.45 14.74 11.87
N THR A 204 20.40 14.24 11.25
CA THR A 204 19.38 15.03 10.56
C THR A 204 18.02 14.55 11.08
N HIS A 205 17.15 15.53 11.20
CA HIS A 205 15.76 15.29 11.62
C HIS A 205 14.83 15.48 10.43
N HIS A 206 13.84 14.59 10.30
CA HIS A 206 12.84 14.69 9.25
C HIS A 206 11.49 14.39 9.84
N GLU A 207 10.49 14.90 9.14
CA GLU A 207 9.13 14.60 9.57
C GLU A 207 8.15 14.48 8.43
N GLU A 208 7.13 13.68 8.70
CA GLU A 208 5.98 13.48 7.80
C GLU A 208 4.71 13.66 8.60
N SER A 209 3.64 14.09 7.93
CA SER A 209 2.34 14.10 8.62
C SER A 209 1.31 13.73 7.59
N HIS A 210 0.45 12.79 7.93
CA HIS A 210 -0.55 12.31 6.98
C HIS A 210 -1.91 12.29 7.65
N ARG A 211 -2.94 12.55 6.84
CA ARG A 211 -4.35 12.31 7.18
C ARG A 211 -4.79 11.11 6.38
N ILE A 212 -5.17 10.05 7.11
CA ILE A 212 -5.46 8.75 6.52
C ILE A 212 -6.89 8.42 6.96
N THR A 213 -7.78 8.24 5.99
CA THR A 213 -9.21 8.14 6.28
C THR A 213 -9.59 6.86 7.00
N LEU A 214 -10.44 6.99 8.00
CA LEU A 214 -10.98 5.82 8.74
C LEU A 214 -12.31 5.45 8.10
N PHE A 215 -12.25 4.75 6.98
CA PHE A 215 -13.46 4.21 6.39
C PHE A 215 -13.95 3.03 7.21
N THR A 216 -15.26 2.85 7.37
CA THR A 216 -15.71 1.63 8.02
C THR A 216 -15.64 0.46 7.04
N ARG A 217 -15.71 -0.73 7.63
CA ARG A 217 -15.78 -1.91 6.79
C ARG A 217 -16.92 -1.79 5.79
N GLU A 218 -18.08 -1.36 6.27
CA GLU A 218 -19.21 -1.16 5.34
C GLU A 218 -18.94 -0.23 4.19
N GLN A 219 -18.16 0.82 4.44
CA GLN A 219 -17.82 1.74 3.38
C GLN A 219 -16.89 1.09 2.36
N TYR A 220 -15.93 0.28 2.84
CA TYR A 220 -15.15 -0.45 1.88
C TYR A 220 -15.97 -1.41 1.06
N GLU A 221 -16.82 -2.12 1.78
CA GLU A 221 -17.66 -3.12 1.08
C GLU A 221 -18.54 -2.44 0.04
N ARG A 222 -19.15 -1.31 0.38
CA ARG A 222 -19.90 -0.47 -0.54
C ARG A 222 -19.18 -0.05 -1.83
N ALA A 223 -17.91 0.34 -1.72
CA ALA A 223 -17.11 0.66 -2.89
C ALA A 223 -16.85 -0.56 -3.77
N PHE A 224 -16.54 -1.70 -3.16
CA PHE A 224 -16.39 -2.94 -3.95
C PHE A 224 -17.70 -3.23 -4.69
N THR A 225 -18.82 -3.17 -3.96
CA THR A 225 -20.12 -3.54 -4.55
C THR A 225 -20.44 -2.62 -5.72
N ALA A 226 -20.24 -1.32 -5.56
CA ALA A 226 -20.54 -0.32 -6.58
C ALA A 226 -19.72 -0.53 -7.85
N ALA A 227 -18.58 -1.21 -7.71
CA ALA A 227 -17.68 -1.48 -8.81
C ALA A 227 -17.95 -2.84 -9.44
N GLY A 228 -18.97 -3.53 -8.97
CA GLY A 228 -19.39 -4.81 -9.54
C GLY A 228 -18.60 -5.97 -8.98
N LEU A 229 -17.87 -5.73 -7.90
CA LEU A 229 -17.12 -6.80 -7.28
C LEU A 229 -17.82 -7.43 -6.09
N SER A 230 -17.76 -8.74 -5.97
CA SER A 230 -18.20 -9.40 -4.76
C SER A 230 -17.06 -9.25 -3.76
N VAL A 231 -17.38 -9.01 -2.50
CA VAL A 231 -16.36 -8.65 -1.51
C VAL A 231 -16.34 -9.57 -0.31
N GLU A 232 -15.14 -9.89 0.17
CA GLU A 232 -15.01 -10.60 1.43
C GLU A 232 -13.91 -9.96 2.30
N PHE A 233 -14.15 -9.74 3.58
CA PHE A 233 -13.08 -9.22 4.45
C PHE A 233 -12.48 -10.40 5.18
N MET A 234 -11.16 -10.39 5.32
CA MET A 234 -10.38 -11.28 6.15
C MET A 234 -9.69 -10.56 7.33
N PRO A 235 -10.06 -10.81 8.61
CA PRO A 235 -9.44 -10.11 9.72
C PRO A 235 -7.96 -10.42 9.83
N GLY A 236 -7.21 -9.53 10.45
CA GLY A 236 -5.84 -9.81 10.90
C GLY A 236 -4.95 -9.29 9.79
N GLY A 237 -4.66 -10.16 8.83
CA GLY A 237 -4.03 -9.68 7.58
C GLY A 237 -2.58 -9.43 7.87
N PRO A 238 -1.88 -8.85 6.86
CA PRO A 238 -0.46 -8.74 7.05
C PRO A 238 -0.05 -7.66 8.05
N SER A 239 -0.94 -6.70 8.33
CA SER A 239 -0.58 -5.54 9.12
C SER A 239 -1.53 -5.20 10.26
N GLY A 240 -2.39 -6.16 10.59
CA GLY A 240 -3.34 -6.03 11.69
C GLY A 240 -4.67 -5.41 11.30
N ARG A 241 -4.77 -4.99 10.03
CA ARG A 241 -5.94 -4.30 9.48
C ARG A 241 -6.81 -5.19 8.60
N GLY A 242 -6.40 -6.45 8.49
CA GLY A 242 -7.09 -7.37 7.61
C GLY A 242 -6.87 -7.14 6.13
N LEU A 243 -7.72 -7.70 5.29
CA LEU A 243 -7.57 -7.67 3.84
C LEU A 243 -8.92 -7.84 3.18
N PHE A 244 -9.29 -7.10 2.13
CA PHE A 244 -10.50 -7.34 1.37
C PHE A 244 -10.09 -7.98 0.04
N THR A 245 -10.89 -8.97 -0.36
CA THR A 245 -10.76 -9.52 -1.71
C THR A 245 -12.07 -9.33 -2.47
N GLY A 246 -12.04 -9.04 -3.77
CA GLY A 246 -13.21 -8.80 -4.61
C GLY A 246 -13.09 -9.56 -5.91
N LEU A 247 -14.21 -10.08 -6.40
CA LEU A 247 -14.27 -10.83 -7.67
C LEU A 247 -15.26 -10.20 -8.64
N PRO A 248 -14.85 -10.03 -9.90
CA PRO A 248 -15.83 -9.47 -10.83
C PRO A 248 -17.04 -10.39 -10.95
N GLY A 249 -18.22 -9.81 -11.17
CA GLY A 249 -19.46 -10.56 -11.28
C GLY A 249 -20.55 -10.29 -10.25
N ALA A 250 -20.50 -9.16 -9.55
CA ALA A 250 -21.62 -8.83 -8.69
C ALA A 250 -22.72 -8.16 -9.53
#